data_6GUQ
#
_entry.id   6GUQ
#
_cell.length_a   70.970
_cell.length_b   70.970
_cell.length_c   149.190
_cell.angle_alpha   90.00
_cell.angle_beta   90.00
_cell.angle_gamma   120.00
#
_symmetry.space_group_name_H-M   'P 31 2 1'
#
loop_
_entity.id
_entity.type
_entity.pdbx_description
1 polymer 'Putative sugar binding protein'
2 non-polymer beta-D-glucopyranose
3 water water
#
_entity_poly.entity_id   1
_entity_poly.type   'polypeptide(L)'
_entity_poly.pdbx_seq_one_letter_code
;MGHHHHHHAWNVYAYPKSEKERVPETTKEAYHFVLVPEELDNDYWRLVEKGAKAAAKELGVDLEYIGPRQANIDEHLRIL
KKAAAAKVDGIITQGLTEAEFVPVINEITDKNIPVVTIDTDAPTSRRVAYVGTDNYYAGFLAGRALAEDTKGKATVAIIT
GSLTAAHQQLRVRGFEDAVRQEKGIRIVAIEESHITRVQAAEKAYTILKKHPDVNAFYGTSALDAIGVAKVVEQFHREQK
TYIIGFDTLPETIRYLQKGTIAATVVQEPYEMGYKAVKMMAEIVAGKDVPVVTNTETKVIRKKDLPLRPARNYEVNTP
;
_entity_poly.pdbx_strand_id   A
#
loop_
_chem_comp.id
_chem_comp.type
_chem_comp.name
_chem_comp.formula
BGC D-saccharide, beta linking beta-D-glucopyranose 'C6 H12 O6'
#
# COMPACT_ATOMS: atom_id res chain seq x y z
N ALA A 30 31.37 0.85 7.61
CA ALA A 30 30.31 1.60 6.91
C ALA A 30 29.11 0.70 6.56
N TYR A 31 27.95 0.99 7.17
CA TYR A 31 26.82 0.08 7.13
C TYR A 31 26.16 0.08 5.74
N HIS A 32 25.78 -1.12 5.33
CA HIS A 32 25.15 -1.34 4.06
C HIS A 32 23.82 -2.03 4.17
N PHE A 33 22.76 -1.30 3.88
CA PHE A 33 21.43 -1.89 3.86
C PHE A 33 20.80 -1.84 2.46
N VAL A 34 19.82 -2.71 2.27
CA VAL A 34 19.08 -2.83 1.02
C VAL A 34 17.58 -2.65 1.30
N LEU A 35 16.92 -1.85 0.46
CA LEU A 35 15.47 -1.67 0.53
C LEU A 35 14.87 -2.16 -0.79
N VAL A 36 13.92 -3.09 -0.68
CA VAL A 36 13.29 -3.75 -1.82
C VAL A 36 11.85 -3.25 -1.92
N PRO A 37 11.49 -2.52 -2.98
CA PRO A 37 10.09 -2.13 -3.20
C PRO A 37 9.27 -3.23 -3.89
N GLU A 38 7.94 -3.04 -3.89
CA GLU A 38 7.06 -3.96 -4.62
C GLU A 38 7.31 -3.89 -6.13
N GLU A 39 7.73 -2.72 -6.62
CA GLU A 39 7.97 -2.48 -8.04
C GLU A 39 8.83 -1.22 -8.13
N LEU A 40 9.89 -1.29 -8.94
CA LEU A 40 10.97 -0.30 -8.85
C LEU A 40 10.43 1.12 -9.06
N ASP A 41 9.86 1.40 -10.24
CA ASP A 41 9.52 2.77 -10.62
C ASP A 41 8.08 3.16 -10.27
N ASN A 42 7.38 2.35 -9.47
CA ASN A 42 6.08 2.75 -8.96
C ASN A 42 6.15 4.08 -8.18
N ASP A 43 5.20 4.98 -8.47
CA ASP A 43 5.25 6.36 -7.97
C ASP A 43 5.29 6.42 -6.44
N TYR A 44 4.50 5.56 -5.77
CA TYR A 44 4.45 5.56 -4.31
C TYR A 44 5.79 5.12 -3.70
N TRP A 45 6.39 4.07 -4.26
CA TRP A 45 7.67 3.58 -3.77
C TRP A 45 8.78 4.59 -3.96
N ARG A 46 8.69 5.43 -4.99
CA ARG A 46 9.68 6.50 -5.15
C ARG A 46 9.64 7.46 -3.98
N LEU A 47 8.47 7.66 -3.36
CA LEU A 47 8.42 8.48 -2.15
C LEU A 47 9.08 7.77 -0.97
N VAL A 48 8.86 6.45 -0.85
CA VAL A 48 9.55 5.66 0.16
C VAL A 48 11.06 5.79 0.00
N GLU A 49 11.54 5.68 -1.25
CA GLU A 49 12.96 5.79 -1.50
C GLU A 49 13.51 7.14 -1.06
N LYS A 50 12.76 8.23 -1.28
CA LYS A 50 13.25 9.55 -0.88
C LYS A 50 13.48 9.62 0.62
N GLY A 51 12.56 9.07 1.41
CA GLY A 51 12.72 9.11 2.86
C GLY A 51 13.81 8.19 3.36
N ALA A 52 13.96 7.02 2.71
CA ALA A 52 15.01 6.09 3.06
C ALA A 52 16.39 6.69 2.80
N LYS A 53 16.58 7.25 1.61
CA LYS A 53 17.90 7.80 1.28
C LYS A 53 18.21 9.06 2.07
N ALA A 54 17.18 9.79 2.52
CA ALA A 54 17.43 10.93 3.39
C ALA A 54 17.93 10.49 4.76
N ALA A 55 17.31 9.44 5.32
CA ALA A 55 17.80 8.88 6.58
C ALA A 55 19.18 8.25 6.39
N ALA A 56 19.41 7.60 5.25
CA ALA A 56 20.70 6.95 5.00
C ALA A 56 21.82 7.97 4.94
N LYS A 57 21.61 9.08 4.22
CA LYS A 57 22.58 10.18 4.21
C LYS A 57 22.82 10.71 5.62
N GLU A 58 21.78 10.72 6.43
CA GLU A 58 21.86 11.28 7.78
C GLU A 58 22.73 10.45 8.70
N LEU A 59 22.83 9.16 8.46
CA LEU A 59 23.62 8.35 9.33
C LEU A 59 24.88 7.84 8.72
N GLY A 60 25.20 8.28 7.54
CA GLY A 60 26.38 7.76 6.85
C GLY A 60 26.20 6.32 6.48
N VAL A 61 25.00 5.94 6.06
CA VAL A 61 24.66 4.57 5.72
C VAL A 61 24.53 4.46 4.22
N ASP A 62 24.95 3.31 3.67
CA ASP A 62 24.84 3.00 2.25
C ASP A 62 23.51 2.30 2.01
N LEU A 63 22.60 2.96 1.31
CA LEU A 63 21.29 2.38 1.03
C LEU A 63 21.21 1.99 -0.44
N GLU A 64 20.97 0.71 -0.69
CA GLU A 64 20.77 0.19 -2.02
C GLU A 64 19.26 -0.03 -2.20
N TYR A 65 18.69 0.58 -3.23
CA TYR A 65 17.27 0.48 -3.53
C TYR A 65 17.15 -0.38 -4.79
N ILE A 66 16.65 -1.61 -4.62
CA ILE A 66 16.59 -2.57 -5.71
C ILE A 66 15.34 -3.42 -5.54
N GLY A 67 14.61 -3.60 -6.65
CA GLY A 67 13.38 -4.38 -6.66
C GLY A 67 12.90 -4.57 -8.09
N PRO A 68 11.89 -5.42 -8.28
CA PRO A 68 11.49 -5.81 -9.66
C PRO A 68 11.08 -4.62 -10.51
N ARG A 69 11.45 -4.66 -11.79
CA ARG A 69 10.88 -3.73 -12.77
C ARG A 69 9.36 -3.79 -12.74
N GLN A 70 8.82 -5.01 -12.71
CA GLN A 70 7.39 -5.25 -12.73
C GLN A 70 7.02 -6.18 -11.59
N ALA A 71 6.00 -5.77 -10.83
CA ALA A 71 5.68 -6.47 -9.58
C ALA A 71 5.39 -7.93 -9.88
N ASN A 72 6.17 -8.80 -9.23
CA ASN A 72 6.16 -10.22 -9.54
C ASN A 72 6.73 -10.92 -8.32
N ILE A 73 5.97 -11.86 -7.77
CA ILE A 73 6.32 -12.44 -6.49
C ILE A 73 7.57 -13.31 -6.59
N ASP A 74 7.77 -13.97 -7.73
CA ASP A 74 8.92 -14.86 -7.85
C ASP A 74 10.22 -14.07 -8.02
N GLU A 75 10.15 -12.93 -8.70
CA GLU A 75 11.34 -12.13 -8.84
C GLU A 75 11.61 -11.47 -7.51
N HIS A 76 10.56 -11.01 -6.86
CA HIS A 76 10.71 -10.39 -5.55
C HIS A 76 11.52 -11.29 -4.61
N LEU A 77 11.15 -12.55 -4.51
CA LEU A 77 11.88 -13.46 -3.67
C LEU A 77 13.27 -13.67 -4.19
N ARG A 78 13.39 -13.62 -5.48
N ARG A 78 13.31 -13.64 -5.43
CA ARG A 78 14.83 -13.71 -6.03
CA ARG A 78 14.75 -13.73 -5.98
C ARG A 78 15.79 -12.52 -5.63
C ARG A 78 15.71 -12.55 -5.58
N ILE A 79 15.22 -11.32 -5.64
CA ILE A 79 16.06 -10.18 -5.28
C ILE A 79 16.44 -10.20 -3.79
N LEU A 80 15.59 -10.79 -2.94
CA LEU A 80 15.87 -10.86 -1.50
C LEU A 80 16.94 -11.89 -1.20
N LYS A 81 16.78 -13.12 -1.72
CA LYS A 81 17.78 -14.14 -1.49
C LYS A 81 19.13 -13.75 -2.08
N LYS A 82 19.11 -12.98 -3.18
CA LYS A 82 20.35 -12.45 -3.75
C LYS A 82 21.01 -11.45 -2.81
N ALA A 83 20.26 -10.46 -2.34
CA ALA A 83 20.83 -9.46 -1.43
C ALA A 83 21.33 -10.10 -0.14
N ALA A 84 20.72 -11.20 0.29
CA ALA A 84 21.12 -11.86 1.54
C ALA A 84 22.52 -12.45 1.44
N ALA A 85 22.82 -13.13 0.34
CA ALA A 85 24.12 -13.78 0.21
C ALA A 85 25.25 -12.79 -0.05
N ALA A 86 24.96 -11.48 -0.09
CA ALA A 86 25.93 -10.47 -0.53
C ALA A 86 26.43 -9.57 0.61
N LYS A 87 26.62 -10.11 1.81
CA LYS A 87 27.34 -9.43 2.88
C LYS A 87 26.55 -8.27 3.53
N VAL A 88 25.32 -7.99 3.05
CA VAL A 88 24.60 -6.82 3.54
C VAL A 88 24.27 -6.94 5.04
N ASP A 89 24.22 -5.80 5.72
CA ASP A 89 24.02 -5.76 7.17
C ASP A 89 22.55 -5.79 7.59
N GLY A 90 21.64 -5.36 6.72
CA GLY A 90 20.22 -5.41 7.04
C GLY A 90 19.36 -5.26 5.80
N ILE A 91 18.19 -5.88 5.80
CA ILE A 91 17.29 -5.91 4.64
C ILE A 91 15.94 -5.35 5.06
N ILE A 92 15.45 -4.38 4.29
CA ILE A 92 14.14 -3.76 4.48
C ILE A 92 13.25 -4.15 3.31
N THR A 93 12.13 -4.80 3.61
CA THR A 93 11.24 -5.34 2.57
C THR A 93 9.81 -5.42 3.08
N GLN A 94 8.87 -5.45 2.13
CA GLN A 94 7.51 -5.87 2.41
C GLN A 94 7.47 -7.35 2.80
N GLY A 95 6.50 -7.69 3.65
CA GLY A 95 6.23 -9.08 3.94
C GLY A 95 4.99 -9.52 3.20
N LEU A 96 5.16 -9.66 1.88
CA LEU A 96 4.05 -9.57 0.93
C LEU A 96 3.03 -10.69 1.12
N THR A 97 3.49 -11.94 1.19
CA THR A 97 2.59 -13.07 1.38
C THR A 97 3.14 -13.98 2.46
N GLU A 98 2.22 -14.49 3.30
CA GLU A 98 2.60 -15.30 4.45
C GLU A 98 3.24 -16.62 4.03
N ALA A 99 2.78 -17.21 2.93
CA ALA A 99 3.27 -18.52 2.54
C ALA A 99 4.67 -18.48 1.94
N GLU A 100 5.02 -17.40 1.31
CA GLU A 100 6.30 -17.33 0.69
C GLU A 100 7.33 -16.46 1.35
N PHE A 101 6.91 -15.35 1.91
CA PHE A 101 7.87 -14.42 2.47
C PHE A 101 8.28 -14.77 3.90
N VAL A 102 7.41 -15.41 4.67
CA VAL A 102 7.81 -15.90 5.99
C VAL A 102 8.98 -16.87 5.89
N PRO A 103 8.98 -17.90 5.03
CA PRO A 103 10.18 -18.76 4.95
C PRO A 103 11.43 -17.99 4.53
N VAL A 104 11.29 -17.02 3.65
CA VAL A 104 12.44 -16.29 3.21
C VAL A 104 13.00 -15.34 4.24
N ILE A 105 12.13 -14.73 5.00
CA ILE A 105 12.54 -13.81 6.02
C ILE A 105 13.30 -14.63 7.06
N ASN A 106 12.71 -15.68 7.56
CA ASN A 106 13.38 -16.59 8.46
C ASN A 106 14.66 -17.15 7.85
N GLU A 107 14.68 -17.40 6.55
CA GLU A 107 15.92 -17.78 5.87
C GLU A 107 16.99 -16.71 6.05
N ILE A 108 16.62 -15.45 5.84
CA ILE A 108 17.57 -14.34 5.91
C ILE A 108 17.99 -14.07 7.35
N THR A 109 17.08 -14.30 8.30
CA THR A 109 17.40 -14.18 9.70
C THR A 109 18.44 -15.23 10.12
N ASP A 110 18.32 -16.46 9.62
CA ASP A 110 19.27 -17.50 10.00
C ASP A 110 20.66 -17.28 9.42
N LYS A 111 20.83 -16.31 8.52
CA LYS A 111 22.14 -15.86 8.09
C LYS A 111 22.63 -14.66 8.92
N ASN A 112 22.01 -14.43 10.08
CA ASN A 112 22.36 -13.34 10.99
C ASN A 112 22.30 -11.99 10.29
N ILE A 113 21.28 -11.81 9.45
CA ILE A 113 20.96 -10.54 8.83
C ILE A 113 19.59 -10.11 9.35
N PRO A 114 19.46 -8.98 10.03
CA PRO A 114 18.15 -8.58 10.56
C PRO A 114 17.26 -7.99 9.47
N VAL A 115 15.97 -8.34 9.54
CA VAL A 115 14.97 -7.87 8.58
C VAL A 115 14.01 -6.90 9.27
N VAL A 116 13.78 -5.75 8.64
CA VAL A 116 12.72 -4.83 9.03
C VAL A 116 11.67 -4.84 7.91
N THR A 117 10.43 -5.20 8.25
CA THR A 117 9.35 -5.10 7.29
C THR A 117 8.89 -3.65 7.15
N ILE A 118 8.46 -3.30 5.93
CA ILE A 118 8.01 -1.96 5.60
C ILE A 118 6.73 -2.08 4.77
N ASP A 119 5.74 -1.21 5.08
CA ASP A 119 4.52 -1.02 4.27
C ASP A 119 3.55 -2.19 4.40
N THR A 120 4.05 -3.41 4.38
CA THR A 120 3.25 -4.62 4.54
C THR A 120 3.99 -5.54 5.50
N ASP A 121 3.33 -5.92 6.60
CA ASP A 121 3.99 -6.70 7.64
C ASP A 121 3.78 -8.20 7.42
N ALA A 122 4.70 -8.99 8.00
CA ALA A 122 4.59 -10.45 8.17
C ALA A 122 4.73 -10.74 9.66
N PRO A 123 3.69 -10.49 10.46
CA PRO A 123 3.86 -10.49 11.92
C PRO A 123 4.20 -11.85 12.52
N THR A 124 4.15 -12.92 11.73
CA THR A 124 4.48 -14.27 12.18
C THR A 124 5.92 -14.64 11.85
N SER A 125 6.63 -13.82 11.08
CA SER A 125 8.01 -14.11 10.74
C SER A 125 8.95 -13.69 11.86
N ARG A 126 10.25 -13.83 11.61
CA ARG A 126 11.27 -13.44 12.57
C ARG A 126 11.86 -12.06 12.25
N ARG A 127 11.19 -11.27 11.40
CA ARG A 127 11.58 -9.88 11.24
C ARG A 127 11.64 -9.20 12.62
N VAL A 128 12.59 -8.29 12.79
CA VAL A 128 12.77 -7.66 14.10
C VAL A 128 11.67 -6.64 14.38
N ALA A 129 11.31 -5.84 13.38
CA ALA A 129 10.30 -4.81 13.57
C ALA A 129 9.62 -4.47 12.24
N TYR A 130 8.45 -3.85 12.37
CA TYR A 130 7.63 -3.37 11.26
C TYR A 130 7.46 -1.87 11.34
N VAL A 131 7.71 -1.17 10.24
CA VAL A 131 7.32 0.24 10.08
C VAL A 131 6.40 0.35 8.86
N GLY A 132 5.15 0.72 9.10
CA GLY A 132 4.18 0.86 8.02
C GLY A 132 2.79 1.09 8.60
N THR A 133 1.85 1.29 7.69
CA THR A 133 0.47 1.56 8.06
C THR A 133 -0.15 0.35 8.75
N ASP A 134 -1.07 0.61 9.68
CA ASP A 134 -1.98 -0.42 10.14
C ASP A 134 -2.97 -0.68 9.00
N ASN A 135 -2.71 -1.69 8.22
CA ASN A 135 -3.47 -1.94 7.04
C ASN A 135 -4.91 -2.25 7.23
N TYR A 136 -5.28 -3.00 8.24
CA TYR A 136 -6.67 -3.28 8.50
C TYR A 136 -7.40 -2.01 8.85
N TYR A 137 -6.78 -1.22 9.67
CA TYR A 137 -7.42 -0.04 10.09
C TYR A 137 -7.59 0.98 8.98
N ALA A 138 -6.68 1.04 8.04
CA ALA A 138 -6.78 1.93 6.94
C ALA A 138 -8.00 1.53 6.17
N GLY A 139 -8.14 0.27 5.88
CA GLY A 139 -9.32 -0.16 5.14
C GLY A 139 -10.60 0.06 5.91
N PHE A 140 -10.54 -0.09 7.23
CA PHE A 140 -11.68 0.19 8.10
C PHE A 140 -12.04 1.67 8.08
N LEU A 141 -11.05 2.56 8.06
CA LEU A 141 -11.34 3.98 7.98
C LEU A 141 -11.93 4.36 6.63
N ALA A 142 -11.50 3.66 5.57
CA ALA A 142 -12.10 3.84 4.25
C ALA A 142 -13.58 3.49 4.27
N GLY A 143 -13.92 2.32 4.82
CA GLY A 143 -15.33 1.93 4.89
C GLY A 143 -16.17 2.89 5.69
N ARG A 144 -15.63 3.40 6.80
CA ARG A 144 -16.36 4.38 7.60
C ARG A 144 -16.62 5.67 6.82
N ALA A 145 -15.64 6.13 6.05
CA ALA A 145 -15.83 7.35 5.26
C ALA A 145 -16.85 7.14 4.14
N LEU A 146 -16.74 6.02 3.42
CA LEU A 146 -17.73 5.74 2.40
C LEU A 146 -19.13 5.71 2.98
N ALA A 147 -19.29 5.14 4.17
CA ALA A 147 -20.63 5.06 4.74
C ALA A 147 -21.11 6.42 5.22
N GLU A 148 -20.21 7.29 5.69
CA GLU A 148 -20.63 8.65 6.01
C GLU A 148 -21.02 9.40 4.75
N ASP A 149 -20.22 9.27 3.70
CA ASP A 149 -20.38 10.11 2.53
C ASP A 149 -21.65 9.75 1.76
N THR A 150 -21.91 8.46 1.57
CA THR A 150 -23.11 7.94 0.92
C THR A 150 -24.29 7.75 1.89
N LYS A 151 -24.10 8.07 3.17
CA LYS A 151 -25.15 8.00 4.19
C LYS A 151 -25.84 6.63 4.20
N GLY A 152 -25.03 5.58 4.06
CA GLY A 152 -25.48 4.23 4.26
C GLY A 152 -26.02 3.54 3.04
N LYS A 153 -26.00 4.19 1.87
CA LYS A 153 -26.60 3.65 0.64
C LYS A 153 -25.54 3.56 -0.44
N ALA A 154 -25.18 2.34 -0.84
CA ALA A 154 -24.15 2.22 -1.86
C ALA A 154 -24.13 0.82 -2.44
N THR A 155 -23.96 0.76 -3.76
CA THR A 155 -23.63 -0.46 -4.50
C THR A 155 -22.16 -0.34 -4.91
N VAL A 156 -21.30 -1.16 -4.30
CA VAL A 156 -19.86 -0.93 -4.22
C VAL A 156 -19.12 -1.96 -5.07
N ALA A 157 -18.18 -1.49 -5.88
CA ALA A 157 -17.17 -2.34 -6.51
C ALA A 157 -15.83 -2.02 -5.85
N ILE A 158 -14.99 -3.04 -5.67
CA ILE A 158 -13.67 -2.86 -5.06
C ILE A 158 -12.61 -3.26 -6.08
N ILE A 159 -11.65 -2.36 -6.30
CA ILE A 159 -10.46 -2.63 -7.10
C ILE A 159 -9.29 -2.74 -6.13
N THR A 160 -8.61 -3.87 -6.14
CA THR A 160 -7.53 -4.13 -5.20
C THR A 160 -6.26 -4.49 -5.97
N GLY A 161 -5.11 -4.16 -5.38
CA GLY A 161 -3.83 -4.45 -6.03
C GLY A 161 -3.69 -5.92 -6.40
N SER A 162 -4.06 -6.79 -5.49
CA SER A 162 -4.03 -8.21 -5.70
C SER A 162 -4.81 -8.95 -4.64
N LEU A 163 -5.15 -10.20 -4.88
CA LEU A 163 -5.90 -10.96 -3.90
C LEU A 163 -5.00 -11.75 -2.95
N THR A 164 -3.68 -11.74 -3.21
CA THR A 164 -2.72 -12.51 -2.44
C THR A 164 -1.79 -11.64 -1.59
N ALA A 165 -1.65 -10.37 -1.93
CA ALA A 165 -0.85 -9.46 -1.12
C ALA A 165 -1.54 -9.23 0.22
N ALA A 166 -0.73 -9.23 1.29
CA ALA A 166 -1.28 -9.27 2.65
C ALA A 166 -1.90 -7.93 3.05
N HIS A 167 -1.29 -6.83 2.62
CA HIS A 167 -1.85 -5.52 2.94
C HIS A 167 -3.14 -5.27 2.17
N GLN A 168 -3.20 -5.76 0.93
CA GLN A 168 -4.42 -5.62 0.13
C GLN A 168 -5.58 -6.36 0.76
N GLN A 169 -5.36 -7.61 1.17
CA GLN A 169 -6.40 -8.37 1.85
C GLN A 169 -6.89 -7.64 3.09
N LEU A 170 -5.96 -7.09 3.89
CA LEU A 170 -6.34 -6.40 5.12
C LEU A 170 -7.15 -5.14 4.81
N ARG A 171 -6.73 -4.35 3.83
CA ARG A 171 -7.54 -3.18 3.45
C ARG A 171 -8.91 -3.59 2.92
N VAL A 172 -9.02 -4.75 2.29
CA VAL A 172 -10.34 -5.20 1.87
C VAL A 172 -11.14 -5.65 3.09
N ARG A 173 -10.52 -6.42 3.97
CA ARG A 173 -11.25 -6.98 5.11
C ARG A 173 -11.67 -5.89 6.09
N GLY A 174 -10.82 -4.88 6.31
CA GLY A 174 -11.21 -3.75 7.14
C GLY A 174 -12.40 -3.00 6.59
N PHE A 175 -12.45 -2.82 5.28
CA PHE A 175 -13.56 -2.11 4.66
C PHE A 175 -14.85 -2.89 4.80
N GLU A 176 -14.82 -4.19 4.48
CA GLU A 176 -16.00 -5.04 4.67
C GLU A 176 -16.52 -4.94 6.09
N ASP A 177 -15.62 -5.04 7.08
CA ASP A 177 -16.04 -5.04 8.49
C ASP A 177 -16.72 -3.72 8.85
N ALA A 178 -16.23 -2.60 8.34
CA ALA A 178 -16.80 -1.30 8.66
C ALA A 178 -18.19 -1.11 8.07
N VAL A 179 -18.49 -1.72 6.91
CA VAL A 179 -19.78 -1.50 6.27
C VAL A 179 -20.77 -2.62 6.54
N ARG A 180 -20.40 -3.64 7.32
CA ARG A 180 -21.29 -4.79 7.47
C ARG A 180 -22.61 -4.39 8.13
N GLN A 181 -22.58 -3.40 9.02
CA GLN A 181 -23.76 -2.95 9.73
C GLN A 181 -24.66 -2.06 8.88
N GLU A 182 -24.24 -1.66 7.68
CA GLU A 182 -25.02 -0.76 6.83
C GLU A 182 -25.87 -1.62 5.90
N LYS A 183 -27.15 -1.81 6.27
CA LYS A 183 -28.04 -2.67 5.48
C LYS A 183 -28.09 -2.23 4.03
N GLY A 184 -27.98 -0.93 3.75
CA GLY A 184 -28.04 -0.44 2.40
C GLY A 184 -26.71 -0.32 1.68
N ILE A 185 -25.64 -0.92 2.20
CA ILE A 185 -24.37 -1.03 1.49
C ILE A 185 -24.16 -2.49 1.12
N ARG A 186 -23.70 -2.72 -0.10
CA ARG A 186 -23.61 -4.06 -0.67
C ARG A 186 -22.44 -4.03 -1.64
N ILE A 187 -21.55 -5.01 -1.54
CA ILE A 187 -20.40 -5.11 -2.43
C ILE A 187 -20.72 -6.13 -3.51
N VAL A 188 -20.59 -5.71 -4.77
CA VAL A 188 -21.03 -6.52 -5.92
C VAL A 188 -19.88 -7.11 -6.73
N ALA A 189 -18.64 -6.65 -6.52
CA ALA A 189 -17.52 -7.12 -7.31
C ALA A 189 -16.22 -6.73 -6.64
N ILE A 190 -15.19 -7.55 -6.87
CA ILE A 190 -13.82 -7.30 -6.43
C ILE A 190 -12.90 -7.75 -7.56
N GLU A 191 -12.06 -6.87 -8.06
CA GLU A 191 -11.17 -7.25 -9.13
C GLU A 191 -9.80 -6.75 -8.85
N GLU A 192 -8.81 -7.36 -9.46
CA GLU A 192 -7.41 -7.03 -9.30
C GLU A 192 -6.82 -6.12 -10.34
N SER A 193 -5.94 -5.23 -9.94
CA SER A 193 -5.32 -4.30 -10.83
C SER A 193 -3.84 -4.51 -11.03
N HIS A 194 -3.28 -5.41 -10.30
CA HIS A 194 -1.84 -5.64 -10.34
C HIS A 194 -1.06 -4.32 -10.28
N ILE A 195 -1.62 -3.36 -9.54
CA ILE A 195 -1.08 -2.03 -9.23
C ILE A 195 -0.58 -1.24 -10.44
N THR A 196 -1.30 -1.29 -11.55
CA THR A 196 -1.10 -0.33 -12.65
C THR A 196 -2.34 0.54 -12.85
N ARG A 197 -2.13 1.73 -13.41
CA ARG A 197 -3.25 2.57 -13.83
C ARG A 197 -4.09 1.85 -14.88
N VAL A 198 -3.40 1.27 -15.87
CA VAL A 198 -4.09 0.71 -17.05
C VAL A 198 -5.00 -0.42 -16.64
N GLN A 199 -4.54 -1.34 -15.78
CA GLN A 199 -5.39 -2.46 -15.41
C GLN A 199 -6.47 -2.08 -14.41
N ALA A 200 -6.30 -0.99 -13.68
CA ALA A 200 -7.42 -0.50 -12.87
C ALA A 200 -8.52 0.02 -13.78
N ALA A 201 -8.15 0.81 -14.79
CA ALA A 201 -9.13 1.29 -15.76
C ALA A 201 -9.81 0.13 -16.47
N GLU A 202 -9.03 -0.83 -16.98
CA GLU A 202 -9.62 -2.03 -17.60
C GLU A 202 -10.69 -2.67 -16.72
N LYS A 203 -10.36 -2.94 -15.46
CA LYS A 203 -11.31 -3.60 -14.56
C LYS A 203 -12.52 -2.74 -14.29
N ALA A 204 -12.36 -1.42 -14.30
CA ALA A 204 -13.51 -0.55 -14.13
C ALA A 204 -14.43 -0.59 -15.36
N TYR A 205 -13.85 -0.68 -16.57
CA TYR A 205 -14.69 -0.90 -17.77
C TYR A 205 -15.52 -2.17 -17.63
N THR A 206 -14.91 -3.23 -17.09
CA THR A 206 -15.58 -4.53 -17.00
C THR A 206 -16.68 -4.53 -15.96
N ILE A 207 -16.40 -3.97 -14.78
CA ILE A 207 -17.38 -3.94 -13.69
C ILE A 207 -18.60 -3.13 -14.11
N LEU A 208 -18.38 -1.98 -14.76
CA LEU A 208 -19.47 -1.08 -15.10
C LEU A 208 -20.38 -1.68 -16.17
N LYS A 209 -19.78 -2.31 -17.18
CA LYS A 209 -20.57 -2.97 -18.20
C LYS A 209 -21.44 -4.07 -17.60
N LYS A 210 -20.90 -4.77 -16.60
CA LYS A 210 -21.53 -5.94 -15.99
C LYS A 210 -22.42 -5.59 -14.80
N HIS A 211 -22.22 -4.43 -14.19
CA HIS A 211 -22.95 -4.04 -12.99
C HIS A 211 -23.32 -2.57 -13.11
N PRO A 212 -24.19 -2.23 -14.07
CA PRO A 212 -24.51 -0.81 -14.30
C PRO A 212 -25.15 -0.11 -13.11
N ASP A 213 -25.58 -0.86 -12.09
CA ASP A 213 -26.10 -0.26 -10.87
C ASP A 213 -25.01 0.17 -9.88
N VAL A 214 -23.75 -0.23 -10.11
CA VAL A 214 -22.64 0.23 -9.27
C VAL A 214 -22.62 1.74 -9.23
N ASN A 215 -22.69 2.31 -8.03
CA ASN A 215 -22.51 3.75 -7.86
C ASN A 215 -21.36 4.10 -6.90
N ALA A 216 -20.47 3.17 -6.58
CA ALA A 216 -19.37 3.50 -5.68
C ALA A 216 -18.18 2.58 -5.93
N PHE A 217 -17.00 3.18 -6.00
CA PHE A 217 -15.74 2.45 -6.16
C PHE A 217 -14.86 2.66 -4.93
N TYR A 218 -14.19 1.58 -4.51
CA TYR A 218 -13.18 1.60 -3.45
C TYR A 218 -11.89 1.01 -4.03
N GLY A 219 -10.83 1.80 -4.06
CA GLY A 219 -9.54 1.34 -4.55
C GLY A 219 -8.60 1.20 -3.37
N THR A 220 -7.82 0.12 -3.33
CA THR A 220 -7.03 -0.21 -2.15
C THR A 220 -5.52 -0.02 -2.32
N SER A 221 -5.05 0.43 -3.48
CA SER A 221 -3.63 0.75 -3.66
C SER A 221 -3.49 2.07 -4.42
N ALA A 222 -2.24 2.53 -4.56
CA ALA A 222 -1.98 3.94 -4.87
C ALA A 222 -2.53 4.38 -6.23
N LEU A 223 -2.61 3.49 -7.21
CA LEU A 223 -3.00 3.88 -8.57
C LEU A 223 -4.42 3.46 -8.94
N ASP A 224 -5.21 2.95 -7.99
CA ASP A 224 -6.49 2.33 -8.34
C ASP A 224 -7.57 3.37 -8.62
N ALA A 225 -7.70 4.37 -7.74
CA ALA A 225 -8.72 5.39 -7.94
C ALA A 225 -8.45 6.24 -9.18
N ILE A 226 -7.18 6.32 -9.60
CA ILE A 226 -6.82 7.07 -10.81
C ILE A 226 -7.36 6.35 -12.04
N GLY A 227 -7.17 5.02 -12.10
CA GLY A 227 -7.72 4.25 -13.20
C GLY A 227 -9.24 4.27 -13.23
N VAL A 228 -9.87 4.12 -12.06
CA VAL A 228 -11.33 4.23 -11.98
C VAL A 228 -11.77 5.62 -12.46
N ALA A 229 -11.11 6.67 -11.98
CA ALA A 229 -11.53 8.03 -12.32
C ALA A 229 -11.48 8.29 -13.81
N LYS A 230 -10.51 7.67 -14.51
CA LYS A 230 -10.41 7.87 -15.95
C LYS A 230 -11.65 7.34 -16.65
N VAL A 231 -12.08 6.14 -16.27
CA VAL A 231 -13.24 5.51 -16.88
C VAL A 231 -14.52 6.24 -16.49
N VAL A 232 -14.63 6.66 -15.23
CA VAL A 232 -15.82 7.39 -14.82
C VAL A 232 -15.95 8.68 -15.61
N GLU A 233 -14.81 9.36 -15.85
CA GLU A 233 -14.84 10.61 -16.60
C GLU A 233 -15.15 10.38 -18.07
N GLN A 234 -14.69 9.26 -18.64
CA GLN A 234 -14.97 8.92 -20.02
C GLN A 234 -16.47 8.69 -20.25
N PHE A 235 -17.14 8.08 -19.28
CA PHE A 235 -18.58 7.80 -19.37
C PHE A 235 -19.45 8.94 -18.83
N HIS A 236 -18.86 10.07 -18.44
CA HIS A 236 -19.62 11.17 -17.84
C HIS A 236 -20.51 10.70 -16.70
N ARG A 237 -19.97 9.76 -15.91
CA ARG A 237 -20.67 9.13 -14.80
C ARG A 237 -20.34 9.79 -13.47
N GLU A 238 -19.64 10.94 -13.47
CA GLU A 238 -19.12 11.50 -12.22
C GLU A 238 -20.22 11.77 -11.21
N GLN A 239 -21.40 12.13 -11.68
CA GLN A 239 -22.50 12.49 -10.80
C GLN A 239 -23.15 11.26 -10.16
N LYS A 240 -23.03 10.07 -10.77
CA LYS A 240 -23.56 8.86 -10.17
C LYS A 240 -22.47 7.87 -9.73
N THR A 241 -21.29 8.36 -9.32
CA THR A 241 -20.23 7.46 -8.88
C THR A 241 -19.43 8.12 -7.78
N TYR A 242 -19.46 7.51 -6.59
CA TYR A 242 -18.56 7.86 -5.49
C TYR A 242 -17.26 7.07 -5.66
N ILE A 243 -16.12 7.76 -5.52
CA ILE A 243 -14.82 7.11 -5.62
C ILE A 243 -14.00 7.46 -4.37
N ILE A 244 -13.64 6.44 -3.59
CA ILE A 244 -12.66 6.57 -2.51
C ILE A 244 -11.48 5.64 -2.80
N GLY A 245 -10.27 6.22 -2.85
CA GLY A 245 -9.08 5.44 -3.12
C GLY A 245 -8.04 5.53 -2.03
N PHE A 246 -6.78 5.23 -2.37
CA PHE A 246 -5.68 5.24 -1.42
C PHE A 246 -4.61 6.24 -1.86
N ASP A 247 -3.91 6.77 -0.87
CA ASP A 247 -2.69 7.57 -1.05
C ASP A 247 -2.97 8.93 -1.71
N THR A 248 -1.91 9.72 -1.89
CA THR A 248 -2.01 11.13 -2.25
C THR A 248 -1.09 11.50 -3.40
N LEU A 249 -0.83 10.56 -4.32
CA LEU A 249 -0.10 10.85 -5.56
C LEU A 249 -0.72 12.07 -6.24
N PRO A 250 0.07 12.83 -7.02
CA PRO A 250 -0.45 14.10 -7.59
C PRO A 250 -1.78 13.98 -8.29
N GLU A 251 -1.95 12.98 -9.15
CA GLU A 251 -3.18 12.91 -9.94
C GLU A 251 -4.39 12.58 -9.09
N THR A 252 -4.19 11.94 -7.94
CA THR A 252 -5.30 11.74 -7.01
C THR A 252 -5.75 13.07 -6.43
N ILE A 253 -4.79 13.96 -6.17
CA ILE A 253 -5.14 15.28 -5.63
C ILE A 253 -5.87 16.08 -6.70
N ARG A 254 -5.44 15.94 -7.96
CA ARG A 254 -6.12 16.66 -9.04
C ARG A 254 -7.57 16.24 -9.17
N TYR A 255 -7.82 14.92 -9.25
CA TYR A 255 -9.19 14.42 -9.30
C TYR A 255 -9.97 14.77 -8.04
N LEU A 256 -9.29 14.82 -6.89
CA LEU A 256 -9.95 15.16 -5.65
C LEU A 256 -10.42 16.62 -5.66
N GLN A 257 -9.59 17.54 -6.15
CA GLN A 257 -10.02 18.94 -6.23
C GLN A 257 -11.12 19.13 -7.27
N LYS A 258 -11.05 18.36 -8.36
CA LYS A 258 -12.03 18.48 -9.44
C LYS A 258 -13.39 17.93 -9.05
N GLY A 259 -13.43 16.88 -8.23
CA GLY A 259 -14.66 16.26 -7.77
C GLY A 259 -14.80 14.81 -8.15
N THR A 260 -14.01 14.32 -9.12
CA THR A 260 -14.18 12.95 -9.58
C THR A 260 -13.94 11.96 -8.46
N ILE A 261 -12.89 12.17 -7.68
CA ILE A 261 -12.62 11.36 -6.49
C ILE A 261 -13.15 12.11 -5.27
N ALA A 262 -13.83 11.40 -4.37
CA ALA A 262 -14.45 12.04 -3.22
C ALA A 262 -13.61 11.97 -1.95
N ALA A 263 -12.74 10.98 -1.82
CA ALA A 263 -11.94 10.80 -0.62
C ALA A 263 -10.79 9.88 -0.91
N THR A 264 -9.76 9.95 -0.06
CA THR A 264 -8.63 9.05 -0.22
C THR A 264 -7.94 8.84 1.12
N VAL A 265 -7.52 7.60 1.34
CA VAL A 265 -6.83 7.18 2.56
C VAL A 265 -5.39 7.63 2.49
N VAL A 266 -5.01 8.52 3.40
CA VAL A 266 -3.63 9.03 3.47
C VAL A 266 -2.67 7.95 3.96
N GLN A 267 -1.48 7.88 3.37
CA GLN A 267 -0.35 7.17 3.95
C GLN A 267 0.86 8.09 4.01
N GLU A 268 1.91 7.61 4.66
CA GLU A 268 3.14 8.37 4.88
C GLU A 268 4.31 7.60 4.28
N PRO A 269 4.42 7.54 2.95
CA PRO A 269 5.51 6.75 2.35
C PRO A 269 6.90 7.32 2.61
N TYR A 270 7.04 8.66 2.63
CA TYR A 270 8.34 9.24 2.95
C TYR A 270 8.73 8.93 4.39
N GLU A 271 7.84 9.20 5.34
CA GLU A 271 8.19 8.98 6.73
C GLU A 271 8.40 7.50 7.04
N MET A 272 7.68 6.61 6.37
CA MET A 272 7.97 5.21 6.67
C MET A 272 9.26 4.74 5.99
N GLY A 273 9.65 5.33 4.87
CA GLY A 273 10.96 5.03 4.32
C GLY A 273 12.06 5.55 5.21
N TYR A 274 11.82 6.68 5.87
CA TYR A 274 12.81 7.30 6.74
C TYR A 274 12.93 6.58 8.09
N LYS A 275 11.79 6.20 8.68
CA LYS A 275 11.81 5.53 9.97
C LYS A 275 12.28 4.08 9.84
N ALA A 276 12.02 3.44 8.70
CA ALA A 276 12.54 2.09 8.52
C ALA A 276 14.07 2.08 8.53
N VAL A 277 14.71 3.07 7.91
CA VAL A 277 16.16 3.11 7.92
C VAL A 277 16.68 3.44 9.32
N LYS A 278 16.12 4.45 9.95
CA LYS A 278 16.57 4.77 11.28
C LYS A 278 16.36 3.63 12.23
N MET A 279 15.32 2.90 12.04
CA MET A 279 15.08 1.76 12.92
C MET A 279 16.09 0.64 12.68
N MET A 280 16.47 0.42 11.41
CA MET A 280 17.52 -0.54 11.13
C MET A 280 18.82 -0.13 11.82
N ALA A 281 19.18 1.15 11.75
CA ALA A 281 20.41 1.61 12.37
C ALA A 281 20.39 1.45 13.88
N GLU A 282 19.23 1.58 14.51
CA GLU A 282 19.12 1.30 15.94
C GLU A 282 19.29 -0.19 16.23
N ILE A 283 18.76 -1.04 15.34
CA ILE A 283 18.80 -2.48 15.61
C ILE A 283 20.25 -2.96 15.60
N VAL A 284 21.01 -2.64 14.55
CA VAL A 284 22.40 -3.06 14.50
C VAL A 284 23.27 -2.32 15.50
N ALA A 285 22.75 -1.28 16.15
CA ALA A 285 23.49 -0.63 17.22
C ALA A 285 23.16 -1.19 18.60
N GLY A 286 22.47 -2.33 18.69
CA GLY A 286 22.18 -2.96 19.96
C GLY A 286 21.04 -2.35 20.76
N LYS A 287 20.38 -1.32 20.27
CA LYS A 287 19.33 -0.64 21.00
C LYS A 287 18.00 -1.38 20.90
N ASP A 288 17.17 -1.25 21.94
CA ASP A 288 15.83 -1.82 21.95
C ASP A 288 14.94 -1.05 20.98
N VAL A 289 14.01 -1.72 20.34
CA VAL A 289 13.11 -1.06 19.45
C VAL A 289 11.76 -1.72 19.55
N PRO A 290 10.71 -0.98 19.27
CA PRO A 290 9.37 -1.50 19.32
C PRO A 290 9.11 -2.41 18.16
N VAL A 291 8.30 -3.42 18.36
CA VAL A 291 8.01 -4.32 17.30
C VAL A 291 7.29 -3.68 16.14
N VAL A 292 6.28 -2.89 16.42
CA VAL A 292 5.51 -2.28 15.38
C VAL A 292 5.43 -0.81 15.51
N THR A 293 5.63 -0.12 14.43
CA THR A 293 5.51 1.29 14.43
C THR A 293 4.56 1.59 13.31
N ASN A 294 3.35 2.04 13.63
CA ASN A 294 2.31 2.33 12.66
C ASN A 294 2.34 3.82 12.32
N THR A 295 2.81 4.14 11.11
CA THR A 295 2.73 5.51 10.62
C THR A 295 1.25 5.90 10.45
N GLU A 296 1.02 7.19 10.36
CA GLU A 296 -0.33 7.73 10.53
C GLU A 296 -1.17 7.48 9.27
N THR A 297 -2.47 7.30 9.47
CA THR A 297 -3.43 7.08 8.41
C THR A 297 -4.74 7.78 8.76
N LYS A 298 -5.37 8.36 7.75
CA LYS A 298 -6.62 9.11 7.89
C LYS A 298 -7.23 9.26 6.51
N VAL A 299 -8.54 9.56 6.48
CA VAL A 299 -9.25 9.80 5.24
C VAL A 299 -9.38 11.31 5.02
N ILE A 300 -8.92 11.79 3.88
CA ILE A 300 -9.03 13.21 3.57
C ILE A 300 -9.96 13.38 2.37
N ARG A 301 -10.56 14.57 2.30
CA ARG A 301 -11.46 14.97 1.24
C ARG A 301 -11.02 16.31 0.69
N LYS A 302 -11.72 16.80 -0.33
CA LYS A 302 -11.38 18.08 -0.96
C LYS A 302 -11.26 19.21 0.04
N LYS A 303 -11.98 19.12 1.17
CA LYS A 303 -11.95 20.20 2.17
C LYS A 303 -10.65 20.23 2.97
N ASP A 304 -9.89 19.14 2.99
CA ASP A 304 -8.63 19.08 3.72
C ASP A 304 -7.44 19.49 2.83
N LEU A 305 -7.67 19.94 1.64
CA LEU A 305 -6.61 20.39 0.76
C LEU A 305 -6.34 21.87 0.95
N PRO A 306 -5.09 22.31 0.76
CA PRO A 306 -3.93 21.45 0.50
C PRO A 306 -3.26 20.94 1.78
N LEU A 307 -2.17 20.19 1.64
CA LEU A 307 -1.45 19.69 2.81
C LEU A 307 0.06 19.92 2.71
C2 BGC B . 0.69 0.30 -1.12
C3 BGC B . 1.89 -0.34 -1.73
C4 BGC B . 1.61 -0.66 -3.15
C5 BGC B . 1.26 0.58 -3.95
C6 BGC B . 0.89 0.14 -5.34
C1 BGC B . 0.22 1.51 -1.91
O1 BGC B . -1.04 1.85 -1.48
O2 BGC B . 0.90 0.73 0.23
O3 BGC B . 2.10 -1.62 -1.10
O4 BGC B . 2.74 -1.25 -3.81
O5 BGC B . 0.10 1.25 -3.37
O6 BGC B . 0.78 1.28 -6.14
#